data_1XZN
#
_entry.id   1XZN
#
_cell.length_a   106.46
_cell.length_b   106.46
_cell.length_c   62.20
_cell.angle_alpha   90.00
_cell.angle_beta   90.00
_cell.angle_gamma   90.00
#
_symmetry.space_group_name_H-M   'P 41 21 2'
#
loop_
_entity.id
_entity.type
_entity.pdbx_description
1 polymer 'PyrR bifunctional protein'
2 non-polymer 'MAGNESIUM ION'
3 non-polymer 'SULFATE ION'
4 water water
#
_entity_poly.entity_id   1
_entity_poly.type   'polypeptide(L)'
_entity_poly.pdbx_seq_one_letter_code
;MQKAVVMDEQAIRRALTRIAHEIIERNKGIDGCVLVGIKTRGIYLARRLAERIEQIEGASVPVGELDITLYRDDLTVKTD
DHEPLVKGTNVPFPVTERNVILVDDVLFTGRTVRAAMDAVMDLGRPARIQLAVLVDRGHRELPIRADFVGKNVPTSRSEL
IVVELSEVDGIDQVSIHEK
;
_entity_poly.pdbx_strand_id   A,B
#
loop_
_chem_comp.id
_chem_comp.type
_chem_comp.name
_chem_comp.formula
MG non-polymer 'MAGNESIUM ION' 'Mg 2'
SO4 non-polymer 'SULFATE ION' 'O4 S -2'
#
# COMPACT_ATOMS: atom_id res chain seq x y z
N MET A 1 8.69 -28.76 2.82
CA MET A 1 7.81 -29.76 2.15
C MET A 1 6.36 -29.29 2.15
N GLN A 2 5.58 -29.75 1.17
CA GLN A 2 4.17 -29.36 1.05
C GLN A 2 3.30 -29.77 2.23
N LYS A 3 2.84 -28.76 2.96
CA LYS A 3 1.98 -28.96 4.11
C LYS A 3 0.53 -29.17 3.68
N ALA A 4 -0.01 -28.24 2.90
CA ALA A 4 -1.39 -28.36 2.45
C ALA A 4 -1.69 -27.61 1.16
N VAL A 5 -2.73 -28.07 0.46
CA VAL A 5 -3.16 -27.46 -0.78
C VAL A 5 -4.25 -26.45 -0.44
N VAL A 6 -3.97 -25.16 -0.65
CA VAL A 6 -4.96 -24.13 -0.33
C VAL A 6 -5.82 -23.73 -1.53
N MET A 7 -5.28 -23.91 -2.73
CA MET A 7 -6.03 -23.59 -3.95
C MET A 7 -5.78 -24.63 -5.02
N ASP A 8 -6.86 -25.15 -5.60
CA ASP A 8 -6.75 -26.14 -6.66
C ASP A 8 -6.98 -25.41 -7.98
N GLU A 9 -6.82 -26.14 -9.07
CA GLU A 9 -6.97 -25.58 -10.40
C GLU A 9 -8.27 -24.83 -10.66
N GLN A 10 -9.39 -25.40 -10.20
CA GLN A 10 -10.69 -24.77 -10.40
C GLN A 10 -10.83 -23.49 -9.57
N ALA A 11 -10.30 -23.52 -8.35
CA ALA A 11 -10.34 -22.38 -7.47
C ALA A 11 -9.52 -21.25 -8.07
N ILE A 12 -8.37 -21.62 -8.63
CA ILE A 12 -7.48 -20.65 -9.25
C ILE A 12 -8.19 -20.02 -10.45
N ARG A 13 -8.87 -20.85 -11.24
CA ARG A 13 -9.57 -20.35 -12.42
C ARG A 13 -10.73 -19.45 -12.03
N ARG A 14 -11.47 -19.83 -10.98
CA ARG A 14 -12.60 -19.02 -10.54
C ARG A 14 -12.11 -17.71 -9.91
N ALA A 15 -10.95 -17.74 -9.27
CA ALA A 15 -10.39 -16.55 -8.65
C ALA A 15 -9.95 -15.56 -9.75
N LEU A 16 -9.25 -16.07 -10.76
CA LEU A 16 -8.77 -15.23 -11.85
C LEU A 16 -9.90 -14.64 -12.69
N THR A 17 -10.90 -15.48 -13.00
CA THR A 17 -12.03 -15.04 -13.80
C THR A 17 -12.77 -13.89 -13.11
N ARG A 18 -12.86 -13.97 -11.79
CA ARG A 18 -13.54 -12.93 -11.02
C ARG A 18 -12.70 -11.65 -11.01
N ILE A 19 -11.40 -11.79 -10.80
CA ILE A 19 -10.52 -10.62 -10.79
C ILE A 19 -10.64 -9.88 -12.11
N ALA A 20 -10.71 -10.62 -13.20
CA ALA A 20 -10.85 -10.02 -14.52
C ALA A 20 -12.08 -9.12 -14.51
N HIS A 21 -13.20 -9.67 -14.05
CA HIS A 21 -14.44 -8.93 -13.98
C HIS A 21 -14.33 -7.75 -13.00
N GLU A 22 -13.56 -7.93 -11.93
CA GLU A 22 -13.38 -6.85 -10.96
C GLU A 22 -12.59 -5.71 -11.59
N ILE A 23 -11.59 -6.05 -12.40
CA ILE A 23 -10.76 -5.05 -13.04
C ILE A 23 -11.56 -4.18 -14.01
N ILE A 24 -12.38 -4.81 -14.84
CA ILE A 24 -13.21 -4.11 -15.79
C ILE A 24 -14.16 -3.17 -15.06
N GLU A 25 -14.78 -3.71 -14.01
CA GLU A 25 -15.74 -2.96 -13.21
C GLU A 25 -15.16 -1.68 -12.60
N ARG A 26 -14.11 -1.81 -11.80
CA ARG A 26 -13.51 -0.65 -11.15
C ARG A 26 -12.94 0.39 -12.09
N ASN A 27 -12.62 0.00 -13.32
CA ASN A 27 -12.08 0.95 -14.28
C ASN A 27 -13.11 1.26 -15.35
N LYS A 28 -14.33 0.76 -15.14
CA LYS A 28 -15.41 0.98 -16.08
C LYS A 28 -14.90 0.69 -17.48
N GLY A 29 -14.44 -0.54 -17.70
CA GLY A 29 -13.91 -0.94 -18.98
C GLY A 29 -12.39 -0.97 -18.84
N ILE A 30 -11.67 -1.50 -19.83
CA ILE A 30 -10.22 -1.56 -19.72
C ILE A 30 -9.45 -0.53 -20.55
N ASP A 31 -10.11 0.53 -20.99
CA ASP A 31 -9.42 1.55 -21.78
C ASP A 31 -8.41 2.33 -20.95
N GLY A 32 -7.24 2.55 -21.53
CA GLY A 32 -6.18 3.27 -20.83
C GLY A 32 -5.48 2.41 -19.78
N CYS A 33 -5.89 1.15 -19.70
CA CYS A 33 -5.30 0.22 -18.74
C CYS A 33 -4.24 -0.66 -19.39
N VAL A 34 -3.23 -1.02 -18.60
CA VAL A 34 -2.16 -1.87 -19.07
C VAL A 34 -1.86 -2.92 -17.99
N LEU A 35 -1.65 -4.16 -18.41
CA LEU A 35 -1.32 -5.24 -17.49
C LEU A 35 0.18 -5.50 -17.50
N VAL A 36 0.81 -5.37 -16.35
CA VAL A 36 2.25 -5.59 -16.22
C VAL A 36 2.57 -6.71 -15.23
N GLY A 37 3.03 -7.84 -15.74
CA GLY A 37 3.37 -8.96 -14.88
C GLY A 37 4.74 -8.85 -14.26
N ILE A 38 4.86 -9.33 -13.02
CA ILE A 38 6.14 -9.32 -12.31
C ILE A 38 6.71 -10.75 -12.28
N LYS A 39 7.88 -10.92 -12.87
CA LYS A 39 8.55 -12.22 -12.94
C LYS A 39 7.71 -13.22 -13.74
N THR A 40 8.24 -14.43 -13.84
CA THR A 40 7.61 -15.51 -14.61
C THR A 40 6.13 -15.77 -14.38
N ARG A 41 5.78 -16.19 -13.17
CA ARG A 41 4.39 -16.51 -12.89
C ARG A 41 3.47 -15.30 -12.97
N GLY A 42 3.98 -14.15 -12.54
CA GLY A 42 3.18 -12.94 -12.62
C GLY A 42 2.81 -12.68 -14.06
N ILE A 43 3.76 -12.89 -14.96
CA ILE A 43 3.53 -12.67 -16.38
C ILE A 43 2.48 -13.63 -16.94
N TYR A 44 2.57 -14.89 -16.54
CA TYR A 44 1.59 -15.87 -17.01
C TYR A 44 0.19 -15.50 -16.51
N LEU A 45 0.12 -14.99 -15.27
CA LEU A 45 -1.16 -14.58 -14.69
C LEU A 45 -1.69 -13.37 -15.44
N ALA A 46 -0.81 -12.38 -15.65
CA ALA A 46 -1.21 -11.16 -16.37
C ALA A 46 -1.73 -11.52 -17.75
N ARG A 47 -1.07 -12.48 -18.40
CA ARG A 47 -1.51 -12.90 -19.73
C ARG A 47 -2.89 -13.56 -19.65
N ARG A 48 -3.10 -14.40 -18.64
CA ARG A 48 -4.40 -15.06 -18.49
C ARG A 48 -5.47 -14.01 -18.29
N LEU A 49 -5.17 -13.01 -17.47
CA LEU A 49 -6.12 -11.92 -17.21
C LEU A 49 -6.47 -11.19 -18.49
N ALA A 50 -5.45 -10.79 -19.26
CA ALA A 50 -5.67 -10.07 -20.50
C ALA A 50 -6.51 -10.89 -21.47
N GLU A 51 -6.22 -12.18 -21.57
CA GLU A 51 -6.99 -13.05 -22.46
C GLU A 51 -8.44 -13.04 -22.00
N ARG A 52 -8.66 -13.20 -20.71
CA ARG A 52 -10.01 -13.20 -20.16
C ARG A 52 -10.69 -11.85 -20.37
N ILE A 53 -9.95 -10.76 -20.13
CA ILE A 53 -10.52 -9.43 -20.28
C ILE A 53 -11.00 -9.15 -21.70
N GLU A 54 -10.16 -9.47 -22.68
CA GLU A 54 -10.52 -9.24 -24.07
C GLU A 54 -11.75 -10.02 -24.52
N GLN A 55 -11.86 -11.28 -24.12
CA GLN A 55 -13.02 -12.07 -24.50
C GLN A 55 -14.28 -11.47 -23.89
N ILE A 56 -14.12 -10.79 -22.76
CA ILE A 56 -15.25 -10.17 -22.07
C ILE A 56 -15.65 -8.82 -22.69
N GLU A 57 -14.69 -7.92 -22.87
CA GLU A 57 -14.99 -6.60 -23.42
C GLU A 57 -14.81 -6.51 -24.92
N GLY A 58 -14.17 -7.52 -25.51
CA GLY A 58 -13.93 -7.50 -26.93
C GLY A 58 -12.83 -6.52 -27.27
N ALA A 59 -12.13 -6.04 -26.24
CA ALA A 59 -11.04 -5.09 -26.44
C ALA A 59 -9.75 -5.71 -25.93
N SER A 60 -8.69 -5.61 -26.72
CA SER A 60 -7.40 -6.15 -26.34
C SER A 60 -6.76 -5.25 -25.30
N VAL A 61 -5.94 -5.84 -24.43
CA VAL A 61 -5.25 -5.10 -23.35
C VAL A 61 -3.70 -5.37 -23.39
N PRO A 62 -2.94 -4.32 -23.33
CA PRO A 62 -1.50 -4.40 -23.48
C PRO A 62 -0.89 -5.18 -22.33
N VAL A 63 0.03 -6.12 -22.57
CA VAL A 63 0.62 -6.82 -21.43
C VAL A 63 2.13 -6.57 -21.45
N GLY A 64 2.67 -6.15 -20.31
CA GLY A 64 4.09 -5.89 -20.20
C GLY A 64 4.75 -6.88 -19.26
N GLU A 65 6.07 -6.91 -19.27
CA GLU A 65 6.84 -7.81 -18.41
C GLU A 65 7.86 -7.03 -17.62
N LEU A 66 8.00 -7.37 -16.34
CA LEU A 66 8.94 -6.69 -15.47
C LEU A 66 9.75 -7.72 -14.69
N ASP A 67 11.07 -7.65 -14.83
CA ASP A 67 11.94 -8.57 -14.13
C ASP A 67 12.46 -7.86 -12.89
N ILE A 68 11.75 -8.00 -11.78
CA ILE A 68 12.15 -7.36 -10.54
C ILE A 68 12.56 -8.38 -9.48
N THR A 69 13.84 -8.43 -9.16
CA THR A 69 14.34 -9.35 -8.15
C THR A 69 15.18 -8.57 -7.17
N LEU A 70 14.94 -8.81 -5.88
CA LEU A 70 15.68 -8.15 -4.83
C LEU A 70 16.56 -9.22 -4.18
N TYR A 71 17.57 -8.79 -3.44
CA TYR A 71 18.47 -9.74 -2.81
C TYR A 71 17.87 -10.40 -1.59
N ARG A 72 18.09 -11.70 -1.46
CA ARG A 72 17.58 -12.49 -0.33
C ARG A 72 16.12 -12.14 -0.03
N VAL A 91 9.11 -5.49 -21.08
CA VAL A 91 8.30 -5.18 -22.25
C VAL A 91 8.05 -3.67 -22.40
N PRO A 92 7.75 -3.28 -23.68
CA PRO A 92 7.47 -1.87 -24.11
C PRO A 92 6.48 -1.00 -23.47
N PHE A 93 5.76 -0.61 -24.49
CA PHE A 93 4.56 0.18 -24.62
C PHE A 93 4.26 1.22 -23.51
N PRO A 94 3.01 1.68 -23.58
CA PRO A 94 2.51 2.72 -22.67
C PRO A 94 2.71 2.62 -21.16
N VAL A 95 2.66 3.79 -20.53
CA VAL A 95 2.80 3.97 -19.09
C VAL A 95 2.23 5.35 -18.74
N THR A 96 2.75 6.37 -19.42
CA THR A 96 2.30 7.73 -19.18
C THR A 96 0.81 7.89 -19.41
N GLU A 97 0.15 8.45 -18.40
CA GLU A 97 -1.29 8.68 -18.44
C GLU A 97 -2.11 7.40 -18.59
N ARG A 98 -1.51 6.27 -18.24
CA ARG A 98 -2.22 5.00 -18.31
C ARG A 98 -2.41 4.45 -16.91
N ASN A 99 -3.31 3.50 -16.74
CA ASN A 99 -3.49 2.82 -15.50
C ASN A 99 -2.64 1.56 -15.61
N VAL A 100 -1.51 1.53 -14.92
CA VAL A 100 -0.65 0.35 -14.97
C VAL A 100 -1.07 -0.64 -13.87
N ILE A 101 -1.58 -1.78 -14.28
CA ILE A 101 -2.01 -2.78 -13.33
C ILE A 101 -0.94 -3.86 -13.15
N LEU A 102 -0.19 -3.76 -12.06
CA LEU A 102 0.83 -4.76 -11.75
C LEU A 102 0.16 -6.08 -11.39
N VAL A 103 0.76 -7.18 -11.81
CA VAL A 103 0.23 -8.51 -11.52
C VAL A 103 1.35 -9.40 -10.96
N ASP A 104 1.08 -10.03 -9.82
CA ASP A 104 2.04 -10.91 -9.18
C ASP A 104 1.28 -12.12 -8.62
N ASP A 105 1.98 -13.23 -8.43
CA ASP A 105 1.31 -14.42 -7.91
C ASP A 105 1.08 -14.36 -6.40
N VAL A 106 2.03 -13.78 -5.67
CA VAL A 106 1.93 -13.69 -4.22
C VAL A 106 2.34 -12.35 -3.63
N LEU A 107 1.49 -11.79 -2.77
CA LEU A 107 1.83 -10.55 -2.09
C LEU A 107 2.23 -10.99 -0.68
N PHE A 108 3.44 -10.63 -0.28
CA PHE A 108 3.99 -11.02 1.01
C PHE A 108 4.46 -9.77 1.74
N THR A 109 5.77 -9.54 1.80
CA THR A 109 6.29 -8.35 2.47
C THR A 109 5.89 -7.09 1.71
N GLY A 110 5.69 -7.23 0.40
CA GLY A 110 5.32 -6.10 -0.42
C GLY A 110 6.54 -5.37 -0.98
N ARG A 111 7.73 -5.85 -0.63
CA ARG A 111 8.97 -5.22 -1.10
C ARG A 111 9.16 -5.29 -2.61
N THR A 112 8.78 -6.41 -3.21
CA THR A 112 8.92 -6.57 -4.66
C THR A 112 8.04 -5.56 -5.42
N VAL A 113 6.81 -5.38 -4.97
CA VAL A 113 5.87 -4.44 -5.60
C VAL A 113 6.40 -3.01 -5.50
N ARG A 114 7.01 -2.67 -4.36
CA ARG A 114 7.55 -1.33 -4.19
C ARG A 114 8.66 -1.03 -5.21
N ALA A 115 9.51 -2.03 -5.47
CA ALA A 115 10.59 -1.88 -6.44
C ALA A 115 9.95 -1.83 -7.81
N ALA A 116 8.94 -2.67 -8.02
CA ALA A 116 8.24 -2.70 -9.30
C ALA A 116 7.65 -1.33 -9.61
N MET A 117 7.19 -0.62 -8.59
CA MET A 117 6.62 0.72 -8.80
C MET A 117 7.71 1.70 -9.20
N ASP A 118 8.91 1.49 -8.67
CA ASP A 118 10.06 2.34 -9.00
C ASP A 118 10.30 2.17 -10.50
N ALA A 119 10.36 0.92 -10.94
CA ALA A 119 10.61 0.62 -12.34
C ALA A 119 9.58 1.32 -13.22
N VAL A 120 8.31 1.15 -12.89
CA VAL A 120 7.24 1.77 -13.67
C VAL A 120 7.45 3.29 -13.81
N MET A 121 7.83 3.94 -12.72
CA MET A 121 8.05 5.39 -12.69
C MET A 121 9.25 5.83 -13.52
N ASP A 122 10.17 4.91 -13.82
CA ASP A 122 11.34 5.23 -14.64
C ASP A 122 10.95 5.25 -16.12
N LEU A 123 9.80 4.67 -16.44
CA LEU A 123 9.33 4.60 -17.81
C LEU A 123 8.31 5.68 -18.14
N GLY A 124 7.89 6.43 -17.13
CA GLY A 124 6.91 7.48 -17.34
C GLY A 124 6.08 7.72 -16.10
N ARG A 125 5.03 8.53 -16.24
CA ARG A 125 4.14 8.88 -15.13
C ARG A 125 2.74 8.35 -15.45
N PRO A 126 2.37 7.20 -14.87
CA PRO A 126 1.04 6.61 -15.12
C PRO A 126 -0.02 7.43 -14.42
N ALA A 127 -1.26 7.34 -14.88
CA ALA A 127 -2.35 8.07 -14.24
C ALA A 127 -2.56 7.42 -12.87
N ARG A 128 -2.16 6.16 -12.78
CA ARG A 128 -2.25 5.41 -11.54
C ARG A 128 -1.64 4.02 -11.68
N ILE A 129 -1.45 3.38 -10.53
CA ILE A 129 -0.92 2.03 -10.51
C ILE A 129 -1.82 1.22 -9.61
N GLN A 130 -2.20 0.04 -10.08
CA GLN A 130 -3.03 -0.86 -9.31
C GLN A 130 -2.23 -2.15 -9.13
N LEU A 131 -2.73 -3.05 -8.29
CA LEU A 131 -2.05 -4.30 -8.04
C LEU A 131 -3.02 -5.47 -7.91
N ALA A 132 -2.77 -6.52 -8.69
CA ALA A 132 -3.59 -7.72 -8.65
C ALA A 132 -2.67 -8.90 -8.33
N VAL A 133 -3.08 -9.73 -7.37
CA VAL A 133 -2.30 -10.91 -7.00
C VAL A 133 -3.18 -12.13 -6.76
N LEU A 134 -2.65 -13.31 -7.05
CA LEU A 134 -3.39 -14.55 -6.84
C LEU A 134 -3.60 -14.76 -5.35
N VAL A 135 -2.55 -14.62 -4.55
CA VAL A 135 -2.68 -14.80 -3.12
C VAL A 135 -1.93 -13.73 -2.30
N ASP A 136 -2.52 -13.41 -1.17
CA ASP A 136 -2.00 -12.51 -0.16
C ASP A 136 -1.77 -13.40 1.05
N ARG A 137 -0.51 -13.55 1.47
CA ARG A 137 -0.21 -14.40 2.61
C ARG A 137 0.10 -13.59 3.87
N GLY A 138 -0.30 -12.34 3.87
CA GLY A 138 -0.09 -11.47 5.01
C GLY A 138 1.36 -11.17 5.27
N HIS A 139 1.63 -10.59 6.43
CA HIS A 139 2.98 -10.27 6.86
C HIS A 139 3.65 -9.18 6.03
N ARG A 140 2.91 -8.14 5.69
CA ARG A 140 3.49 -7.07 4.89
C ARG A 140 4.49 -6.31 5.75
N GLU A 141 5.51 -5.72 5.11
CA GLU A 141 6.52 -4.94 5.82
C GLU A 141 6.54 -3.52 5.25
N LEU A 142 5.55 -3.24 4.42
CA LEU A 142 5.38 -1.92 3.79
C LEU A 142 3.88 -1.66 3.68
N PRO A 143 3.47 -0.38 3.71
CA PRO A 143 2.06 0.01 3.63
C PRO A 143 1.46 -0.20 2.23
N ILE A 144 1.72 -1.37 1.67
CA ILE A 144 1.25 -1.74 0.35
C ILE A 144 0.20 -2.84 0.44
N ARG A 145 -0.94 -2.63 -0.21
CA ARG A 145 -2.05 -3.59 -0.21
C ARG A 145 -2.50 -3.83 -1.64
N ALA A 146 -3.02 -5.01 -1.93
CA ALA A 146 -3.48 -5.30 -3.29
C ALA A 146 -4.91 -4.79 -3.54
N ASP A 147 -5.16 -4.30 -4.74
CA ASP A 147 -6.49 -3.81 -5.09
C ASP A 147 -7.39 -4.98 -5.42
N PHE A 148 -6.79 -6.01 -6.03
CA PHE A 148 -7.53 -7.22 -6.39
C PHE A 148 -6.74 -8.42 -5.84
N VAL A 149 -7.42 -9.28 -5.07
CA VAL A 149 -6.77 -10.44 -4.48
C VAL A 149 -7.51 -11.72 -4.79
N GLY A 150 -6.78 -12.76 -5.17
CA GLY A 150 -7.41 -14.04 -5.48
C GLY A 150 -7.91 -14.71 -4.21
N LYS A 151 -7.01 -14.87 -3.25
CA LYS A 151 -7.38 -15.52 -2.01
C LYS A 151 -6.46 -15.08 -0.90
N ASN A 152 -7.02 -14.80 0.27
CA ASN A 152 -6.22 -14.42 1.42
C ASN A 152 -5.82 -15.75 2.10
N VAL A 153 -4.52 -16.02 2.22
CA VAL A 153 -4.08 -17.26 2.84
C VAL A 153 -3.26 -16.99 4.09
N PRO A 154 -3.81 -17.29 5.27
CA PRO A 154 -3.03 -17.04 6.49
C PRO A 154 -1.82 -17.97 6.55
N THR A 155 -0.70 -17.45 6.99
CA THR A 155 0.51 -18.24 7.09
C THR A 155 1.32 -17.73 8.27
N SER A 156 2.20 -18.59 8.76
CA SER A 156 3.06 -18.21 9.86
C SER A 156 4.35 -17.78 9.17
N ARG A 157 5.23 -17.12 9.90
CA ARG A 157 6.47 -16.66 9.32
C ARG A 157 7.40 -17.84 9.01
N SER A 158 7.04 -19.02 9.51
CA SER A 158 7.86 -20.21 9.26
C SER A 158 7.41 -20.92 7.99
N GLU A 159 6.14 -20.72 7.62
CA GLU A 159 5.60 -21.35 6.41
C GLU A 159 5.97 -20.58 5.14
N LEU A 160 5.71 -21.21 4.00
CA LEU A 160 5.98 -20.62 2.70
C LEU A 160 4.87 -20.96 1.70
N ILE A 161 4.69 -20.07 0.73
CA ILE A 161 3.68 -20.28 -0.30
C ILE A 161 4.38 -20.75 -1.56
N VAL A 162 3.82 -21.77 -2.21
CA VAL A 162 4.38 -22.31 -3.43
C VAL A 162 3.31 -22.25 -4.49
N VAL A 163 3.56 -21.50 -5.56
CA VAL A 163 2.59 -21.35 -6.63
C VAL A 163 2.99 -22.11 -7.89
N GLU A 164 2.10 -22.97 -8.36
CA GLU A 164 2.36 -23.74 -9.57
C GLU A 164 1.34 -23.42 -10.65
N LEU A 165 1.83 -22.93 -11.79
CA LEU A 165 0.95 -22.63 -12.93
C LEU A 165 1.30 -23.60 -14.04
N SER A 166 0.29 -24.16 -14.70
CA SER A 166 0.52 -25.15 -15.76
C SER A 166 1.52 -24.76 -16.84
N GLU A 167 1.68 -23.47 -17.11
CA GLU A 167 2.63 -23.05 -18.14
C GLU A 167 4.07 -23.32 -17.74
N VAL A 168 4.32 -23.53 -16.45
CA VAL A 168 5.68 -23.77 -15.99
C VAL A 168 5.84 -25.02 -15.15
N ASP A 169 4.80 -25.38 -14.42
CA ASP A 169 4.87 -26.55 -13.56
C ASP A 169 3.92 -27.66 -14.02
N GLY A 170 3.27 -27.44 -15.16
CA GLY A 170 2.37 -28.43 -15.71
C GLY A 170 1.07 -28.61 -14.93
N ILE A 171 0.87 -27.80 -13.90
CA ILE A 171 -0.35 -27.88 -13.09
C ILE A 171 -0.64 -26.56 -12.39
N ASP A 172 -1.91 -26.25 -12.22
CA ASP A 172 -2.33 -25.04 -11.52
C ASP A 172 -2.58 -25.44 -10.07
N GLN A 173 -1.83 -24.86 -9.14
CA GLN A 173 -2.03 -25.20 -7.74
C GLN A 173 -1.28 -24.32 -6.76
N VAL A 174 -1.97 -23.95 -5.69
CA VAL A 174 -1.37 -23.14 -4.64
C VAL A 174 -1.28 -24.00 -3.39
N SER A 175 -0.13 -23.97 -2.72
CA SER A 175 0.03 -24.78 -1.53
C SER A 175 0.99 -24.18 -0.51
N ILE A 176 0.74 -24.47 0.76
CA ILE A 176 1.57 -23.99 1.85
C ILE A 176 2.64 -25.02 2.16
N HIS A 177 3.87 -24.55 2.35
CA HIS A 177 4.99 -25.44 2.67
C HIS A 177 5.65 -25.00 3.96
N GLU A 178 6.32 -25.94 4.62
CA GLU A 178 7.00 -25.65 5.88
C GLU A 178 8.50 -25.61 5.60
N LYS A 179 8.92 -24.72 4.71
CA LYS A 179 10.33 -24.59 4.37
C LYS A 179 10.98 -23.63 5.37
N MET B 1 -12.93 27.73 0.46
CA MET B 1 -14.09 27.97 1.36
C MET B 1 -14.41 26.73 2.21
N GLN B 2 -14.49 26.94 3.52
CA GLN B 2 -14.75 25.87 4.47
C GLN B 2 -16.16 25.30 4.33
N LYS B 3 -16.30 24.36 3.41
CA LYS B 3 -17.58 23.72 3.13
C LYS B 3 -18.16 22.96 4.32
N ALA B 4 -17.30 22.50 5.25
CA ALA B 4 -17.78 21.78 6.42
C ALA B 4 -16.68 21.24 7.33
N VAL B 5 -16.96 21.23 8.63
CA VAL B 5 -16.01 20.72 9.62
C VAL B 5 -16.35 19.25 9.89
N VAL B 6 -15.38 18.36 9.68
CA VAL B 6 -15.61 16.94 9.90
C VAL B 6 -14.93 16.42 11.16
N MET B 7 -14.04 17.20 11.74
CA MET B 7 -13.37 16.80 12.97
C MET B 7 -13.02 18.03 13.80
N ASP B 8 -13.43 18.05 15.06
CA ASP B 8 -13.09 19.16 15.94
C ASP B 8 -11.93 18.73 16.82
N GLU B 9 -11.50 19.62 17.71
CA GLU B 9 -10.38 19.30 18.58
C GLU B 9 -10.62 17.99 19.33
N GLN B 10 -11.87 17.76 19.70
CA GLN B 10 -12.24 16.56 20.45
C GLN B 10 -12.04 15.26 19.65
N ALA B 11 -12.53 15.24 18.42
CA ALA B 11 -12.41 14.06 17.57
C ALA B 11 -10.94 13.77 17.26
N ILE B 12 -10.17 14.83 17.01
CA ILE B 12 -8.75 14.69 16.71
C ILE B 12 -8.04 14.10 17.91
N ARG B 13 -8.31 14.63 19.09
CA ARG B 13 -7.67 14.14 20.29
C ARG B 13 -7.92 12.66 20.52
N ARG B 14 -9.18 12.24 20.43
CA ARG B 14 -9.51 10.86 20.67
C ARG B 14 -9.05 9.93 19.54
N ALA B 15 -8.93 10.45 18.33
CA ALA B 15 -8.46 9.65 17.21
C ALA B 15 -6.98 9.31 17.42
N LEU B 16 -6.17 10.32 17.73
CA LEU B 16 -4.75 10.15 17.93
C LEU B 16 -4.42 9.28 19.13
N THR B 17 -5.31 9.30 20.12
CA THR B 17 -5.11 8.51 21.33
C THR B 17 -5.30 7.05 20.96
N ARG B 18 -6.38 6.76 20.25
CA ARG B 18 -6.66 5.39 19.84
C ARG B 18 -5.49 4.89 19.00
N ILE B 19 -5.09 5.70 18.02
CA ILE B 19 -3.97 5.37 17.15
C ILE B 19 -2.72 5.02 17.98
N ALA B 20 -2.48 5.80 19.03
CA ALA B 20 -1.33 5.56 19.89
C ALA B 20 -1.40 4.15 20.48
N HIS B 21 -2.60 3.76 20.90
CA HIS B 21 -2.79 2.43 21.47
C HIS B 21 -2.67 1.34 20.42
N GLU B 22 -3.12 1.63 19.20
CA GLU B 22 -3.02 0.64 18.10
C GLU B 22 -1.57 0.36 17.71
N ILE B 23 -0.76 1.41 17.67
CA ILE B 23 0.65 1.28 17.30
C ILE B 23 1.37 0.39 18.32
N ILE B 24 1.13 0.68 19.59
CA ILE B 24 1.76 -0.08 20.66
C ILE B 24 1.32 -1.53 20.55
N GLU B 25 0.03 -1.72 20.29
CA GLU B 25 -0.56 -3.06 20.17
C GLU B 25 -0.02 -3.87 18.99
N ARG B 26 0.00 -3.28 17.80
CA ARG B 26 0.47 -4.01 16.63
C ARG B 26 1.98 -4.21 16.55
N ASN B 27 2.70 -3.63 17.50
CA ASN B 27 4.14 -3.78 17.54
C ASN B 27 4.52 -4.44 18.86
N LYS B 28 3.51 -4.86 19.62
CA LYS B 28 3.71 -5.51 20.92
C LYS B 28 4.78 -4.79 21.73
N GLY B 29 4.58 -3.48 21.87
CA GLY B 29 5.52 -2.65 22.58
C GLY B 29 6.06 -1.66 21.57
N ILE B 30 6.84 -0.70 22.03
CA ILE B 30 7.41 0.32 21.15
C ILE B 30 8.88 0.09 20.84
N ASP B 31 9.44 -0.98 21.41
CA ASP B 31 10.84 -1.33 21.19
C ASP B 31 11.17 -1.44 19.70
N GLY B 32 12.15 -0.64 19.25
CA GLY B 32 12.57 -0.67 17.86
C GLY B 32 11.70 0.13 16.91
N CYS B 33 10.81 0.96 17.44
CA CYS B 33 9.93 1.76 16.61
C CYS B 33 10.43 3.20 16.51
N VAL B 34 10.07 3.87 15.41
CA VAL B 34 10.46 5.26 15.20
C VAL B 34 9.35 5.96 14.44
N LEU B 35 8.99 7.17 14.86
CA LEU B 35 7.94 7.93 14.20
C LEU B 35 8.54 9.01 13.32
N VAL B 36 8.28 8.93 12.02
CA VAL B 36 8.81 9.90 11.07
C VAL B 36 7.67 10.69 10.44
N GLY B 37 7.57 11.97 10.79
CA GLY B 37 6.50 12.79 10.24
C GLY B 37 6.78 13.31 8.85
N ILE B 38 5.89 13.03 7.90
CA ILE B 38 5.93 13.81 6.62
C ILE B 38 5.35 15.21 6.50
N LYS B 39 6.19 16.18 6.14
CA LYS B 39 5.79 17.55 5.95
C LYS B 39 5.53 18.24 7.29
N THR B 40 5.02 19.47 7.21
CA THR B 40 4.74 20.28 8.39
C THR B 40 3.88 19.59 9.44
N ARG B 41 2.58 19.53 9.17
CA ARG B 41 1.63 18.95 10.10
C ARG B 41 1.86 17.47 10.40
N GLY B 42 2.48 16.76 9.45
CA GLY B 42 2.75 15.36 9.67
C GLY B 42 3.71 15.21 10.84
N ILE B 43 4.66 16.14 10.93
CA ILE B 43 5.66 16.13 12.01
C ILE B 43 5.02 16.35 13.38
N TYR B 44 4.09 17.30 13.45
CA TYR B 44 3.41 17.59 14.71
C TYR B 44 2.60 16.39 15.19
N LEU B 45 1.95 15.70 14.26
CA LEU B 45 1.16 14.53 14.61
C LEU B 45 2.08 13.45 15.18
N ALA B 46 3.21 13.23 14.51
CA ALA B 46 4.18 12.24 14.95
C ALA B 46 4.64 12.51 16.38
N ARG B 47 4.84 13.78 16.71
CA ARG B 47 5.28 14.17 18.05
C ARG B 47 4.19 13.89 19.08
N ARG B 48 2.96 14.25 18.75
CA ARG B 48 1.86 14.00 19.67
C ARG B 48 1.76 12.49 19.88
N LEU B 49 1.86 11.72 18.80
CA LEU B 49 1.79 10.28 18.93
C LEU B 49 2.92 9.77 19.80
N ALA B 50 4.09 10.36 19.61
CA ALA B 50 5.26 9.97 20.39
C ALA B 50 5.01 10.25 21.86
N GLU B 51 4.47 11.42 22.16
CA GLU B 51 4.19 11.79 23.54
C GLU B 51 3.15 10.86 24.18
N ARG B 52 2.08 10.55 23.44
CA ARG B 52 1.03 9.67 23.94
C ARG B 52 1.63 8.30 24.26
N ILE B 53 2.37 7.76 23.30
CA ILE B 53 3.00 6.45 23.46
C ILE B 53 3.94 6.42 24.67
N GLU B 54 4.66 7.51 24.89
CA GLU B 54 5.59 7.62 26.01
C GLU B 54 4.84 7.51 27.34
N GLN B 55 3.69 8.18 27.43
CA GLN B 55 2.91 8.15 28.66
C GLN B 55 2.00 6.95 28.81
N ILE B 56 2.24 5.92 28.00
CA ILE B 56 1.45 4.69 28.10
C ILE B 56 2.38 3.51 28.40
N GLU B 57 3.57 3.52 27.80
CA GLU B 57 4.53 2.45 27.99
C GLU B 57 5.68 2.85 28.92
N GLY B 58 5.74 4.13 29.27
CA GLY B 58 6.81 4.59 30.15
C GLY B 58 8.10 4.86 29.40
N ALA B 59 8.23 4.31 28.19
CA ALA B 59 9.42 4.54 27.38
C ALA B 59 9.07 5.46 26.22
N SER B 60 10.02 6.30 25.81
CA SER B 60 9.77 7.22 24.71
C SER B 60 10.23 6.65 23.38
N VAL B 61 9.71 7.20 22.28
CA VAL B 61 10.05 6.72 20.96
C VAL B 61 10.71 7.78 20.10
N PRO B 62 11.77 7.40 19.37
CA PRO B 62 12.49 8.35 18.51
C PRO B 62 11.54 8.96 17.48
N VAL B 63 11.77 10.23 17.16
CA VAL B 63 10.97 10.94 16.18
C VAL B 63 11.86 11.61 15.13
N GLY B 64 11.50 11.43 13.87
CA GLY B 64 12.25 12.02 12.78
C GLY B 64 11.33 12.87 11.94
N GLU B 65 11.89 13.76 11.11
CA GLU B 65 11.08 14.61 10.25
C GLU B 65 11.08 14.19 8.80
N LEU B 66 12.21 14.29 8.11
CA LEU B 66 12.25 13.90 6.70
C LEU B 66 11.37 14.84 5.86
N ASP B 67 12.00 15.55 4.92
CA ASP B 67 11.28 16.49 4.05
C ASP B 67 11.08 15.94 2.64
N ILE B 68 9.89 16.16 2.09
CA ILE B 68 9.57 15.67 0.75
C ILE B 68 8.95 16.76 -0.14
N THR B 69 7.62 16.70 -0.27
CA THR B 69 6.88 17.66 -1.09
C THR B 69 7.39 17.68 -2.53
N LEU B 70 7.08 16.62 -3.27
CA LEU B 70 7.48 16.48 -4.67
C LEU B 70 8.94 16.86 -4.86
N TYR B 71 9.84 16.00 -4.38
CA TYR B 71 11.28 16.25 -4.49
C TYR B 71 11.77 15.94 -5.91
N VAL B 91 19.70 15.68 12.90
CA VAL B 91 18.51 15.75 12.06
C VAL B 91 18.02 14.35 11.69
N PRO B 92 18.94 13.47 11.25
CA PRO B 92 18.55 12.10 10.88
C PRO B 92 17.83 11.36 12.00
N PHE B 93 17.56 10.08 11.76
CA PHE B 93 16.87 9.24 12.74
C PHE B 93 17.15 7.77 12.46
N PRO B 94 17.10 6.92 13.50
CA PRO B 94 17.35 5.48 13.33
C PRO B 94 16.42 4.90 12.26
N VAL B 95 16.94 3.99 11.44
CA VAL B 95 16.15 3.38 10.39
C VAL B 95 16.34 1.87 10.26
N THR B 96 17.58 1.43 10.11
CA THR B 96 17.86 0.01 9.93
C THR B 96 17.39 -0.89 11.07
N GLU B 97 16.69 -1.95 10.68
CA GLU B 97 16.13 -2.93 11.62
C GLU B 97 15.12 -2.32 12.58
N ARG B 98 14.68 -1.10 12.29
CA ARG B 98 13.69 -0.44 13.13
C ARG B 98 12.33 -0.55 12.44
N ASN B 99 11.28 -0.38 13.22
CA ASN B 99 9.92 -0.40 12.68
C ASN B 99 9.62 1.08 12.42
N VAL B 100 9.75 1.51 11.17
CA VAL B 100 9.53 2.91 10.81
C VAL B 100 8.08 3.24 10.50
N ILE B 101 7.50 4.10 11.33
CA ILE B 101 6.12 4.50 11.17
C ILE B 101 6.01 5.90 10.60
N LEU B 102 5.61 5.98 9.33
CA LEU B 102 5.42 7.26 8.67
C LEU B 102 4.10 7.84 9.20
N VAL B 103 4.10 9.14 9.46
CA VAL B 103 2.92 9.84 9.98
C VAL B 103 2.60 11.03 9.08
N ASP B 104 1.39 11.07 8.53
CA ASP B 104 0.99 12.17 7.66
C ASP B 104 -0.42 12.61 8.03
N ASP B 105 -0.76 13.86 7.74
CA ASP B 105 -2.09 14.35 8.09
C ASP B 105 -3.21 13.87 7.18
N VAL B 106 -2.97 13.78 5.88
CA VAL B 106 -3.99 13.37 4.94
C VAL B 106 -3.50 12.39 3.88
N LEU B 107 -4.18 11.25 3.76
CA LEU B 107 -3.83 10.27 2.74
C LEU B 107 -4.76 10.57 1.58
N PHE B 108 -4.19 10.78 0.41
CA PHE B 108 -4.97 11.10 -0.78
C PHE B 108 -4.58 10.13 -1.91
N THR B 109 -3.77 10.61 -2.86
CA THR B 109 -3.35 9.75 -3.96
C THR B 109 -2.34 8.70 -3.50
N GLY B 110 -1.59 9.01 -2.44
CA GLY B 110 -0.57 8.10 -1.94
C GLY B 110 0.80 8.35 -2.54
N ARG B 111 0.90 9.30 -3.45
CA ARG B 111 2.16 9.60 -4.11
C ARG B 111 3.22 10.18 -3.17
N THR B 112 2.79 10.96 -2.18
CA THR B 112 3.72 11.55 -1.23
C THR B 112 4.30 10.44 -0.37
N VAL B 113 3.45 9.48 0.01
CA VAL B 113 3.90 8.36 0.84
C VAL B 113 4.89 7.49 0.08
N ARG B 114 4.68 7.31 -1.22
CA ARG B 114 5.60 6.50 -2.01
C ARG B 114 6.98 7.14 -1.97
N ALA B 115 7.02 8.46 -2.10
CA ALA B 115 8.29 9.20 -2.08
C ALA B 115 8.95 9.03 -0.71
N ALA B 116 8.14 9.09 0.34
CA ALA B 116 8.63 8.94 1.70
C ALA B 116 9.28 7.57 1.89
N MET B 117 8.66 6.55 1.31
CA MET B 117 9.19 5.19 1.42
C MET B 117 10.56 5.10 0.76
N ASP B 118 10.68 5.60 -0.46
CA ASP B 118 11.97 5.56 -1.15
C ASP B 118 13.00 6.30 -0.33
N ALA B 119 12.64 7.49 0.14
CA ALA B 119 13.55 8.29 0.96
C ALA B 119 14.04 7.44 2.12
N VAL B 120 13.10 6.84 2.83
CA VAL B 120 13.42 5.99 3.98
C VAL B 120 14.28 4.80 3.57
N MET B 121 13.98 4.20 2.43
CA MET B 121 14.74 3.04 1.97
C MET B 121 16.18 3.37 1.63
N ASP B 122 16.46 4.65 1.35
CA ASP B 122 17.81 5.07 1.05
C ASP B 122 18.61 5.38 2.31
N LEU B 123 17.92 5.58 3.42
CA LEU B 123 18.60 5.87 4.70
C LEU B 123 18.84 4.59 5.47
N GLY B 124 18.24 3.49 5.03
CA GLY B 124 18.44 2.24 5.73
C GLY B 124 17.57 1.07 5.32
N ARG B 125 17.77 -0.03 6.02
CA ARG B 125 17.02 -1.27 5.80
C ARG B 125 16.17 -1.52 7.04
N PRO B 126 14.99 -0.88 7.11
CA PRO B 126 14.07 -1.03 8.25
C PRO B 126 13.42 -2.39 8.27
N ALA B 127 13.12 -2.90 9.45
CA ALA B 127 12.46 -4.20 9.54
C ALA B 127 11.15 -4.07 8.77
N ARG B 128 10.50 -2.91 8.90
CA ARG B 128 9.27 -2.65 8.18
C ARG B 128 8.81 -1.20 8.29
N ILE B 129 7.95 -0.79 7.36
CA ILE B 129 7.42 0.57 7.35
C ILE B 129 5.90 0.53 7.50
N GLN B 130 5.38 1.34 8.41
CA GLN B 130 3.95 1.40 8.63
C GLN B 130 3.49 2.81 8.29
N LEU B 131 2.18 2.99 8.19
CA LEU B 131 1.64 4.31 7.84
C LEU B 131 0.46 4.72 8.70
N ALA B 132 0.63 5.83 9.41
CA ALA B 132 -0.43 6.35 10.26
C ALA B 132 -0.83 7.70 9.69
N VAL B 133 -2.13 7.90 9.49
CA VAL B 133 -2.64 9.16 8.96
C VAL B 133 -3.86 9.60 9.75
N LEU B 134 -4.05 10.92 9.85
CA LEU B 134 -5.21 11.45 10.58
C LEU B 134 -6.47 11.26 9.77
N VAL B 135 -6.36 11.45 8.47
CA VAL B 135 -7.54 11.27 7.61
C VAL B 135 -7.17 10.65 6.25
N ASP B 136 -8.04 9.79 5.77
CA ASP B 136 -7.93 9.14 4.49
C ASP B 136 -9.09 9.63 3.70
N ARG B 137 -8.83 10.37 2.62
CA ARG B 137 -9.91 10.94 1.80
C ARG B 137 -10.20 10.15 0.55
N GLY B 138 -9.64 8.94 0.46
CA GLY B 138 -9.86 8.11 -0.70
C GLY B 138 -9.14 8.62 -1.93
N HIS B 139 -9.48 8.06 -3.09
CA HIS B 139 -8.88 8.46 -4.35
C HIS B 139 -7.39 8.10 -4.47
N ARG B 140 -6.99 6.92 -4.02
CA ARG B 140 -5.59 6.52 -4.13
C ARG B 140 -5.21 6.30 -5.59
N GLU B 141 -3.96 6.58 -5.93
CA GLU B 141 -3.48 6.37 -7.30
C GLU B 141 -2.33 5.36 -7.32
N LEU B 142 -2.04 4.79 -6.16
CA LEU B 142 -1.00 3.79 -5.98
C LEU B 142 -1.57 2.76 -5.01
N PRO B 143 -1.02 1.52 -5.00
CA PRO B 143 -1.54 0.49 -4.09
C PRO B 143 -0.99 0.64 -2.67
N ILE B 144 -1.27 1.79 -2.07
CA ILE B 144 -0.79 2.11 -0.74
C ILE B 144 -1.97 2.39 0.19
N ARG B 145 -1.97 1.76 1.36
CA ARG B 145 -3.04 1.95 2.34
C ARG B 145 -2.42 2.20 3.70
N ALA B 146 -3.07 3.03 4.51
CA ALA B 146 -2.56 3.34 5.84
C ALA B 146 -2.83 2.19 6.80
N ASP B 147 -1.92 1.98 7.75
CA ASP B 147 -2.09 0.91 8.73
C ASP B 147 -2.94 1.44 9.88
N PHE B 148 -2.92 2.76 10.04
CA PHE B 148 -3.67 3.43 11.08
C PHE B 148 -4.35 4.68 10.48
N VAL B 149 -5.67 4.71 10.54
CA VAL B 149 -6.44 5.82 10.01
C VAL B 149 -7.25 6.50 11.13
N GLY B 150 -7.08 7.81 11.25
CA GLY B 150 -7.82 8.55 12.27
C GLY B 150 -9.28 8.52 11.92
N LYS B 151 -9.59 8.96 10.70
CA LYS B 151 -10.96 8.99 10.22
C LYS B 151 -11.01 8.92 8.70
N ASN B 152 -11.92 8.11 8.17
CA ASN B 152 -12.11 7.98 6.73
C ASN B 152 -13.08 9.09 6.35
N VAL B 153 -12.67 9.96 5.44
CA VAL B 153 -13.54 11.07 5.04
C VAL B 153 -13.79 11.09 3.54
N PRO B 154 -14.95 10.55 3.11
CA PRO B 154 -15.29 10.51 1.69
C PRO B 154 -15.20 11.92 1.14
N THR B 155 -14.85 12.04 -0.13
CA THR B 155 -14.72 13.33 -0.77
C THR B 155 -14.86 13.15 -2.27
N SER B 156 -15.21 14.23 -2.95
CA SER B 156 -15.33 14.19 -4.39
C SER B 156 -13.95 14.59 -4.86
N ARG B 157 -13.64 14.36 -6.13
CA ARG B 157 -12.33 14.73 -6.64
C ARG B 157 -12.16 16.25 -6.57
N SER B 158 -13.27 16.97 -6.72
CA SER B 158 -13.25 18.43 -6.69
C SER B 158 -13.10 19.06 -5.31
N GLU B 159 -13.34 18.29 -4.25
CA GLU B 159 -13.23 18.82 -2.90
C GLU B 159 -11.79 18.70 -2.40
N LEU B 160 -11.48 19.40 -1.32
CA LEU B 160 -10.15 19.40 -0.73
C LEU B 160 -10.28 19.27 0.77
N ILE B 161 -9.22 18.79 1.42
CA ILE B 161 -9.19 18.62 2.87
C ILE B 161 -8.20 19.59 3.48
N VAL B 162 -8.62 20.27 4.55
CA VAL B 162 -7.75 21.21 5.24
C VAL B 162 -7.62 20.79 6.68
N VAL B 163 -6.40 20.50 7.10
CA VAL B 163 -6.12 20.07 8.46
C VAL B 163 -5.40 21.18 9.22
N GLU B 164 -5.93 21.55 10.38
CA GLU B 164 -5.31 22.59 11.20
C GLU B 164 -4.94 22.01 12.54
N LEU B 165 -3.77 22.40 13.03
CA LEU B 165 -3.27 21.94 14.31
C LEU B 165 -2.83 23.13 15.15
N SER B 166 -2.98 23.02 16.47
CA SER B 166 -2.63 24.11 17.36
C SER B 166 -1.20 24.64 17.18
N GLU B 167 -0.23 23.73 17.08
CA GLU B 167 1.17 24.11 16.93
C GLU B 167 1.48 25.09 15.79
N VAL B 168 0.64 25.15 14.77
CA VAL B 168 0.93 26.04 13.66
C VAL B 168 -0.22 26.90 13.15
N ASP B 169 -1.45 26.42 13.30
CA ASP B 169 -2.61 27.15 12.81
C ASP B 169 -3.46 27.78 13.89
N GLY B 170 -3.03 27.67 15.14
CA GLY B 170 -3.78 28.26 16.24
C GLY B 170 -5.04 27.48 16.65
N ILE B 171 -5.29 26.35 15.98
CA ILE B 171 -6.47 25.54 16.29
C ILE B 171 -6.37 24.12 15.74
N ASP B 172 -7.04 23.18 16.40
CA ASP B 172 -7.09 21.77 15.97
C ASP B 172 -8.43 21.60 15.27
N GLN B 173 -8.38 21.32 13.97
CA GLN B 173 -9.61 21.17 13.23
C GLN B 173 -9.38 20.61 11.84
N VAL B 174 -10.34 19.82 11.36
CA VAL B 174 -10.26 19.24 10.03
C VAL B 174 -11.55 19.60 9.31
N SER B 175 -11.43 20.04 8.06
CA SER B 175 -12.62 20.43 7.31
C SER B 175 -12.54 20.15 5.84
N ILE B 176 -13.71 20.10 5.19
CA ILE B 176 -13.80 19.87 3.77
C ILE B 176 -14.02 21.24 3.13
N HIS B 177 -13.15 21.60 2.20
CA HIS B 177 -13.27 22.89 1.51
C HIS B 177 -13.55 22.62 0.04
N GLU B 178 -14.50 23.35 -0.54
CA GLU B 178 -14.78 23.17 -1.96
C GLU B 178 -13.70 23.95 -2.70
N LYS B 179 -13.69 23.87 -4.02
CA LYS B 179 -12.70 24.61 -4.78
C LYS B 179 -13.23 25.98 -5.23
MG MG C . 5.73 -13.47 -7.71
S SO4 D . 7.38 -9.98 -1.33
O1 SO4 D . 8.24 -8.85 -1.69
O2 SO4 D . 7.53 -11.05 -2.32
O3 SO4 D . 5.96 -9.57 -1.31
O4 SO4 D . 7.80 -10.48 0.00
S SO4 E . 8.94 -16.17 -10.70
O1 SO4 E . 9.86 -15.79 -11.79
O2 SO4 E . 8.97 -17.64 -10.53
O3 SO4 E . 7.57 -15.74 -11.03
O4 SO4 E . 9.37 -15.53 -9.44
MG MG F . 0.86 16.12 4.61
S SO4 G . -0.95 12.57 -1.37
O1 SO4 G . -1.29 11.29 -0.72
O2 SO4 G . 0.38 12.46 -2.00
O3 SO4 G . -1.93 12.90 -2.43
O4 SO4 G . -0.92 13.66 -0.36
#